data_8H7J
#
_entry.id   8H7J
#
_cell.length_a   127.328
_cell.length_b   60.085
_cell.length_c   85.424
_cell.angle_alpha   90.000
_cell.angle_beta   114.120
_cell.angle_gamma   90.000
#
_symmetry.space_group_name_H-M   'C 1 2 1'
#
loop_
_entity.id
_entity.type
_entity.pdbx_description
1 polymer 'Scavenger receptor cysteine-rich type 1 protein M130'
2 branched 2-acetamido-2-deoxy-beta-D-glucopyranose-(1-4)-2-acetamido-2-deoxy-beta-D-glucopyranose
3 branched alpha-D-mannopyranose-(1-3)-[alpha-D-mannopyranose-(1-6)]alpha-D-mannopyranose-(1-4)-2-acetamido-2-deoxy-beta-D-glucopyranose-(1-4)-[alpha-L-fucopyranose-(1-6)]2-acetamido-2-deoxy-beta-D-glucopyranose
4 non-polymer 2-acetamido-2-deoxy-beta-D-glucopyranose
5 water water
#
_entity_poly.entity_id   1
_entity_poly.type   'polypeptide(L)'
_entity_poly.pdbx_seq_one_letter_code
;SPRLVGGDIPCSGRVEVQHGDTWGTVCDSDFSLEAASVLCRELQCGTVVSLLGGAHFGEGSGQIWAEEFQCEGHESHLSL
CPVAPRPDGTCSHSRDVGVVCSRYTQIRLVNGKTPCEGRVELNILGSWGSLCNSHWDMEDAHVLCQQLKCGVALSIPGGA
PFGKGSEQVWRHMFHCTGTEKHMGDCSVTALGASLCSSGQVASVICSGNQSQTLSPCNSSSSDPSSSIISEENGVACIGS
GQLRLVDGGGRCAGRVEVYHEGSWGTICDDSWDLNDAHVVCKQLSCGWAINATGSAHFGEGTGPIWLDEINCNGKESHIW
QCHSHGWGRHNCRHKEDAGVICSEFMSLRLISENSRETCAGRLEVFYNGAWGSVGRNSMSPATVGVVCRQLGCADRGDIS
PASSDKTVSRHMWVDNVQCPKGPDTLWQCPSSPWKKRLASPSEETWITCANKIRLQEGNTNCSGRVEIWYGGSWGTVCDD
SWDLEDAQVVCRQLGCGSALEAGKEAAFGQGTGPIWLNEVKCKGNETSLWDCPARSWGHSDCGHKEDAAVTCSTRTGHHH
HHH
;
_entity_poly.pdbx_strand_id   A
#
loop_
_chem_comp.id
_chem_comp.type
_chem_comp.name
_chem_comp.formula
FUC L-saccharide, alpha linking alpha-L-fucopyranose 'C6 H12 O5'
MAN D-saccharide, alpha linking alpha-D-mannopyranose 'C6 H12 O6'
NAG D-saccharide, beta linking 2-acetamido-2-deoxy-beta-D-glucopyranose 'C8 H15 N O6'
#
# COMPACT_ATOMS: atom_id res chain seq x y z
N SER A 1 -14.35 21.75 0.98
CA SER A 1 -15.76 21.78 0.54
C SER A 1 -16.39 20.39 0.61
N PRO A 2 -15.83 19.34 -0.02
CA PRO A 2 -16.35 17.97 0.11
C PRO A 2 -16.18 17.45 1.55
N ARG A 3 -17.06 16.55 1.97
CA ARG A 3 -16.94 15.91 3.28
C ARG A 3 -17.06 14.39 3.14
N LEU A 4 -16.43 13.66 4.08
CA LEU A 4 -16.57 12.22 4.21
C LEU A 4 -17.41 11.96 5.44
N VAL A 5 -18.44 11.10 5.33
CA VAL A 5 -19.36 10.90 6.44
C VAL A 5 -19.53 9.41 6.73
N GLY A 6 -19.53 9.00 8.00
CA GLY A 6 -19.90 7.64 8.38
C GLY A 6 -18.74 6.66 8.45
N GLY A 7 -17.50 7.15 8.45
CA GLY A 7 -16.37 6.25 8.46
C GLY A 7 -16.02 5.83 9.88
N ASP A 8 -15.29 4.73 10.00
CA ASP A 8 -14.90 4.14 11.26
C ASP A 8 -13.51 4.63 11.65
N ILE A 9 -12.69 4.95 10.64
CA ILE A 9 -11.35 5.47 10.84
C ILE A 9 -11.35 6.86 10.23
N PRO A 10 -10.43 7.75 10.61
CA PRO A 10 -10.37 9.04 9.92
C PRO A 10 -9.97 8.89 8.45
N CYS A 11 -10.35 9.93 7.69
CA CYS A 11 -10.13 10.06 6.25
C CYS A 11 -10.87 8.97 5.46
N SER A 12 -12.00 8.52 6.02
CA SER A 12 -12.90 7.55 5.43
C SER A 12 -14.33 8.03 5.58
N GLY A 13 -15.18 7.50 4.70
CA GLY A 13 -16.61 7.69 4.81
C GLY A 13 -17.30 7.90 3.47
N ARG A 14 -18.61 8.17 3.55
CA ARG A 14 -19.42 8.43 2.38
C ARG A 14 -19.07 9.83 1.84
N VAL A 15 -18.95 9.93 0.50
CA VAL A 15 -18.60 11.19 -0.13
C VAL A 15 -19.85 12.09 -0.19
N GLU A 16 -19.74 13.30 0.36
CA GLU A 16 -20.82 14.29 0.24
C GLU A 16 -20.26 15.61 -0.28
N VAL A 17 -20.97 16.18 -1.25
CA VAL A 17 -20.64 17.43 -1.94
C VAL A 17 -21.80 18.42 -1.70
N GLN A 18 -21.49 19.65 -1.32
CA GLN A 18 -22.49 20.70 -1.19
C GLN A 18 -22.53 21.60 -2.43
N HIS A 19 -23.76 21.94 -2.86
CA HIS A 19 -24.03 23.06 -3.75
C HIS A 19 -25.04 23.99 -3.09
N GLY A 20 -24.66 25.26 -2.85
CA GLY A 20 -25.48 26.16 -2.07
C GLY A 20 -25.50 25.77 -0.59
N ASP A 21 -26.70 25.45 -0.05
CA ASP A 21 -26.83 24.96 1.31
C ASP A 21 -27.20 23.46 1.34
N THR A 22 -27.32 22.84 0.15
CA THR A 22 -27.84 21.48 0.05
C THR A 22 -26.67 20.51 -0.14
N TRP A 23 -26.46 19.66 0.87
CA TRP A 23 -25.55 18.54 0.72
C TRP A 23 -26.18 17.45 -0.14
N GLY A 24 -25.38 16.82 -0.98
CA GLY A 24 -25.85 15.65 -1.71
C GLY A 24 -24.76 14.58 -1.72
N THR A 25 -25.15 13.39 -2.16
CA THR A 25 -24.25 12.25 -2.30
C THR A 25 -23.95 12.01 -3.77
N VAL A 26 -22.92 11.18 -4.03
CA VAL A 26 -22.49 10.90 -5.39
C VAL A 26 -22.71 9.41 -5.67
N CYS A 27 -23.31 9.14 -6.84
CA CYS A 27 -23.50 7.77 -7.32
C CYS A 27 -22.14 7.12 -7.62
N ASP A 28 -22.06 5.79 -7.40
CA ASP A 28 -20.80 5.06 -7.54
C ASP A 28 -20.38 4.80 -9.01
N SER A 29 -21.20 5.21 -9.98
CA SER A 29 -20.85 5.28 -11.40
C SER A 29 -20.29 6.65 -11.78
N ASP A 30 -20.40 7.65 -10.90
CA ASP A 30 -20.12 9.03 -11.26
C ASP A 30 -18.80 9.53 -10.70
N PHE A 31 -18.06 8.67 -9.97
CA PHE A 31 -16.98 9.18 -9.14
C PHE A 31 -15.74 8.33 -9.37
N SER A 32 -14.75 8.90 -10.06
CA SER A 32 -13.56 8.15 -10.43
C SER A 32 -12.52 8.21 -9.31
N LEU A 33 -11.47 7.41 -9.52
CA LEU A 33 -10.26 7.43 -8.73
C LEU A 33 -9.57 8.79 -8.78
N GLU A 34 -9.61 9.45 -9.93
CA GLU A 34 -9.04 10.78 -10.06
C GLU A 34 -9.83 11.78 -9.22
N ALA A 35 -11.18 11.70 -9.26
CA ALA A 35 -12.01 12.53 -8.40
C ALA A 35 -11.78 12.23 -6.91
N ALA A 36 -11.56 10.95 -6.56
CA ALA A 36 -11.28 10.54 -5.19
C ALA A 36 -9.93 11.11 -4.72
N SER A 37 -8.93 11.12 -5.62
CA SER A 37 -7.59 11.61 -5.30
C SER A 37 -7.59 13.14 -5.10
N VAL A 38 -8.49 13.84 -5.78
CA VAL A 38 -8.60 15.29 -5.62
C VAL A 38 -9.22 15.58 -4.25
N LEU A 39 -10.23 14.78 -3.86
CA LEU A 39 -10.93 14.91 -2.57
C LEU A 39 -10.00 14.63 -1.39
N CYS A 40 -9.16 13.57 -1.50
CA CYS A 40 -8.26 13.19 -0.41
C CYS A 40 -7.20 14.27 -0.21
N ARG A 41 -6.73 14.86 -1.31
CA ARG A 41 -5.74 15.94 -1.28
C ARG A 41 -6.35 17.21 -0.68
N GLU A 42 -7.58 17.54 -1.13
CA GLU A 42 -8.29 18.73 -0.67
C GLU A 42 -8.56 18.63 0.83
N LEU A 43 -8.92 17.44 1.29
CA LEU A 43 -9.29 17.26 2.68
C LEU A 43 -8.03 16.99 3.53
N GLN A 44 -6.81 17.13 2.98
CA GLN A 44 -5.53 16.86 3.66
C GLN A 44 -5.52 15.42 4.20
N CYS A 45 -6.03 14.46 3.41
CA CYS A 45 -6.17 13.08 3.87
C CYS A 45 -5.22 12.13 3.14
N GLY A 46 -4.27 12.68 2.37
CA GLY A 46 -3.27 11.85 1.72
C GLY A 46 -3.74 11.37 0.36
N THR A 47 -3.52 10.07 0.06
CA THR A 47 -3.83 9.49 -1.23
C THR A 47 -4.96 8.48 -1.06
N VAL A 48 -5.45 7.94 -2.19
CA VAL A 48 -6.66 7.11 -2.14
C VAL A 48 -6.22 5.66 -1.98
N VAL A 49 -6.77 4.98 -0.98
CA VAL A 49 -6.49 3.55 -0.81
C VAL A 49 -7.59 2.75 -1.53
N SER A 50 -8.87 3.15 -1.33
CA SER A 50 -10.03 2.42 -1.84
C SER A 50 -11.09 3.40 -2.32
N LEU A 51 -11.68 3.08 -3.48
CA LEU A 51 -12.95 3.60 -3.94
C LEU A 51 -14.00 2.53 -3.62
N LEU A 52 -15.01 2.88 -2.82
CA LEU A 52 -16.01 1.89 -2.36
C LEU A 52 -17.42 2.30 -2.81
N GLY A 53 -18.06 1.39 -3.55
CA GLY A 53 -19.42 1.61 -4.02
C GLY A 53 -20.39 0.95 -3.06
N GLY A 54 -21.66 0.94 -3.44
CA GLY A 54 -22.63 0.04 -2.83
C GLY A 54 -23.04 0.45 -1.41
N ALA A 55 -22.89 1.74 -1.07
CA ALA A 55 -23.31 2.33 0.19
C ALA A 55 -22.67 1.61 1.38
N HIS A 56 -21.34 1.45 1.28
CA HIS A 56 -20.50 0.76 2.24
C HIS A 56 -20.55 1.43 3.61
N PHE A 57 -20.61 2.77 3.66
CA PHE A 57 -20.73 3.48 4.93
C PHE A 57 -22.17 3.86 5.22
N GLY A 58 -23.13 3.06 4.70
CA GLY A 58 -24.52 3.41 4.90
C GLY A 58 -25.04 4.33 3.81
N GLU A 59 -26.36 4.23 3.60
CA GLU A 59 -27.03 5.03 2.59
C GLU A 59 -27.13 6.45 3.13
N GLY A 60 -27.01 7.43 2.24
CA GLY A 60 -27.24 8.81 2.62
C GLY A 60 -28.73 9.16 2.57
N SER A 61 -29.01 10.44 2.82
CA SER A 61 -30.35 11.00 2.78
C SER A 61 -30.38 12.18 1.82
N GLY A 62 -31.48 12.32 1.09
CA GLY A 62 -31.74 13.52 0.33
C GLY A 62 -31.18 13.47 -1.08
N GLN A 63 -30.48 14.56 -1.43
CA GLN A 63 -30.04 14.81 -2.79
C GLN A 63 -28.96 13.81 -3.21
N ILE A 64 -29.05 13.34 -4.45
CA ILE A 64 -27.98 12.66 -5.16
C ILE A 64 -27.67 13.54 -6.37
N TRP A 65 -26.39 13.83 -6.59
CA TRP A 65 -26.05 14.69 -7.72
C TRP A 65 -26.03 13.86 -9.01
N ALA A 66 -26.55 14.47 -10.09
CA ALA A 66 -26.55 13.88 -11.42
C ALA A 66 -25.25 14.15 -12.19
N GLU A 67 -24.24 14.76 -11.52
CA GLU A 67 -23.02 15.22 -12.16
C GLU A 67 -21.91 14.16 -12.03
N GLU A 68 -21.23 13.89 -13.14
CA GLU A 68 -19.93 13.22 -13.07
C GLU A 68 -18.83 14.25 -12.85
N PHE A 69 -17.81 13.86 -12.10
CA PHE A 69 -16.64 14.70 -11.88
C PHE A 69 -15.52 14.16 -12.75
N GLN A 70 -15.25 14.87 -13.86
CA GLN A 70 -14.16 14.50 -14.74
C GLN A 70 -12.88 15.22 -14.30
N CYS A 71 -12.37 14.83 -13.14
CA CYS A 71 -11.10 15.33 -12.66
C CYS A 71 -9.97 14.72 -13.48
N GLU A 72 -8.99 15.55 -13.85
CA GLU A 72 -7.71 15.07 -14.38
C GLU A 72 -6.97 14.27 -13.31
N GLY A 73 -6.95 14.77 -12.07
CA GLY A 73 -6.34 14.03 -10.98
C GLY A 73 -5.42 14.88 -10.10
N HIS A 74 -4.97 16.04 -10.60
CA HIS A 74 -4.04 16.87 -9.87
C HIS A 74 -4.63 18.22 -9.51
N GLU A 75 -5.96 18.38 -9.67
CA GLU A 75 -6.63 19.60 -9.22
C GLU A 75 -6.54 19.71 -7.71
N SER A 76 -6.52 20.95 -7.21
CA SER A 76 -6.37 21.21 -5.78
C SER A 76 -7.73 21.18 -5.08
N HIS A 77 -8.81 21.49 -5.82
CA HIS A 77 -10.14 21.41 -5.26
C HIS A 77 -11.06 20.73 -6.27
N LEU A 78 -12.10 20.09 -5.74
CA LEU A 78 -13.09 19.37 -6.52
C LEU A 78 -13.95 20.34 -7.33
N SER A 79 -14.12 21.57 -6.81
CA SER A 79 -14.81 22.65 -7.50
C SER A 79 -14.06 23.11 -8.76
N LEU A 80 -12.74 22.93 -8.81
CA LEU A 80 -11.98 23.22 -10.02
C LEU A 80 -12.21 22.17 -11.11
N CYS A 81 -12.66 20.96 -10.77
CA CYS A 81 -12.81 19.88 -11.73
C CYS A 81 -13.96 20.14 -12.72
N PRO A 82 -13.81 19.72 -14.00
CA PRO A 82 -14.93 19.70 -14.95
C PRO A 82 -16.08 18.81 -14.48
N VAL A 83 -17.31 19.34 -14.61
CA VAL A 83 -18.50 18.61 -14.22
C VAL A 83 -19.38 18.37 -15.44
N ALA A 84 -19.73 17.10 -15.68
CA ALA A 84 -20.66 16.74 -16.72
C ALA A 84 -21.94 16.23 -16.08
N PRO A 85 -23.08 16.93 -16.24
CA PRO A 85 -24.38 16.30 -15.97
C PRO A 85 -24.59 15.13 -16.93
N ARG A 86 -24.70 13.92 -16.38
CA ARG A 86 -24.98 12.72 -17.14
C ARG A 86 -26.51 12.58 -17.21
N PRO A 87 -27.07 11.76 -18.12
CA PRO A 87 -28.52 11.48 -18.09
C PRO A 87 -29.00 10.92 -16.76
N ASP A 88 -30.27 11.21 -16.43
CA ASP A 88 -30.82 11.08 -15.09
C ASP A 88 -30.91 9.61 -14.69
N GLY A 89 -30.05 9.23 -13.75
CA GLY A 89 -29.75 7.83 -13.54
C GLY A 89 -30.77 7.11 -12.68
N THR A 90 -30.56 5.81 -12.57
CA THR A 90 -31.33 4.94 -11.70
C THR A 90 -30.65 4.78 -10.34
N CYS A 91 -29.75 5.72 -10.00
CA CYS A 91 -29.00 5.66 -8.75
C CYS A 91 -29.94 6.02 -7.59
N SER A 92 -29.99 5.13 -6.62
CA SER A 92 -30.57 5.42 -5.32
C SER A 92 -29.42 5.63 -4.33
N HIS A 93 -29.74 5.82 -3.06
CA HIS A 93 -28.75 5.94 -2.00
C HIS A 93 -28.07 4.62 -1.64
N SER A 94 -28.51 3.49 -2.21
CA SER A 94 -27.82 2.22 -2.01
C SER A 94 -26.56 2.12 -2.91
N ARG A 95 -26.34 3.11 -3.79
CA ARG A 95 -25.11 3.17 -4.58
C ARG A 95 -24.31 4.45 -4.32
N ASP A 96 -24.42 5.02 -3.10
CA ASP A 96 -23.61 6.16 -2.71
C ASP A 96 -22.13 5.74 -2.53
N VAL A 97 -21.22 6.54 -3.08
CA VAL A 97 -19.82 6.18 -3.16
C VAL A 97 -19.15 6.62 -1.84
N GLY A 98 -18.01 5.98 -1.56
CA GLY A 98 -17.25 6.14 -0.34
C GLY A 98 -15.78 5.99 -0.68
N VAL A 99 -14.89 6.50 0.20
CA VAL A 99 -13.46 6.58 -0.09
C VAL A 99 -12.71 6.22 1.19
N VAL A 100 -11.68 5.39 1.10
CA VAL A 100 -10.67 5.27 2.15
C VAL A 100 -9.44 6.04 1.68
N CYS A 101 -9.07 7.07 2.43
CA CYS A 101 -7.82 7.77 2.15
C CYS A 101 -6.72 7.26 3.11
N SER A 102 -5.46 7.56 2.79
CA SER A 102 -4.30 6.92 3.37
C SER A 102 -3.92 7.47 4.77
N ARG A 103 -4.44 8.65 5.14
CA ARG A 103 -4.08 9.19 6.45
C ARG A 103 -5.11 8.79 7.50
N TYR A 104 -5.17 7.48 7.82
CA TYR A 104 -6.13 6.97 8.79
C TYR A 104 -5.52 6.85 10.20
N THR A 105 -4.26 7.30 10.35
CA THR A 105 -3.52 7.15 11.58
C THR A 105 -4.13 8.00 12.68
N GLN A 106 -4.27 7.41 13.87
CA GLN A 106 -4.83 8.10 15.02
C GLN A 106 -3.71 8.08 16.06
N ILE A 107 -3.00 9.20 16.17
CA ILE A 107 -1.81 9.26 17.01
C ILE A 107 -1.81 10.61 17.72
N ARG A 108 -1.45 10.60 19.02
CA ARG A 108 -1.44 11.82 19.82
C ARG A 108 -0.39 11.72 20.93
N LEU A 109 -0.15 12.87 21.60
CA LEU A 109 0.69 12.96 22.79
C LEU A 109 -0.20 13.25 24.01
N VAL A 110 -0.01 12.46 25.08
CA VAL A 110 -0.88 12.59 26.24
C VAL A 110 0.00 12.97 27.44
N ASN A 111 -0.58 13.76 28.35
CA ASN A 111 -0.08 14.08 29.69
C ASN A 111 1.16 15.00 29.70
N GLY A 112 1.31 15.90 28.72
CA GLY A 112 2.27 17.01 28.82
C GLY A 112 1.48 18.30 28.96
N LYS A 113 2.17 19.46 29.08
CA LYS A 113 1.51 20.74 29.30
C LYS A 113 0.57 21.10 28.13
N THR A 114 1.09 20.91 26.93
CA THR A 114 0.32 21.17 25.71
C THR A 114 0.16 19.83 24.99
N PRO A 115 -0.60 19.74 23.88
CA PRO A 115 -0.42 18.61 22.96
C PRO A 115 0.91 18.52 22.23
N CYS A 116 1.83 19.47 22.47
CA CYS A 116 3.16 19.46 21.88
C CYS A 116 4.15 18.61 22.68
N GLU A 117 3.75 18.00 23.80
CA GLU A 117 4.65 17.04 24.44
C GLU A 117 3.83 15.94 25.09
N GLY A 118 4.46 14.77 25.21
CA GLY A 118 3.88 13.73 26.03
C GLY A 118 4.29 12.34 25.61
N ARG A 119 3.57 11.37 26.19
CA ARG A 119 3.69 9.98 25.78
C ARG A 119 2.90 9.77 24.48
N VAL A 120 3.53 9.12 23.50
CA VAL A 120 2.90 8.77 22.24
C VAL A 120 1.79 7.72 22.47
N GLU A 121 0.57 8.02 22.00
CA GLU A 121 -0.48 7.01 21.98
C GLU A 121 -0.92 6.78 20.53
N LEU A 122 -1.19 5.52 20.17
CA LEU A 122 -1.69 5.10 18.86
C LEU A 122 -2.98 4.31 19.08
N ASN A 123 -3.98 4.58 18.24
CA ASN A 123 -5.27 3.90 18.32
C ASN A 123 -5.34 2.87 17.19
N ILE A 124 -5.43 1.59 17.57
CA ILE A 124 -5.52 0.45 16.65
C ILE A 124 -6.63 -0.42 17.21
N LEU A 125 -7.51 -0.93 16.33
CA LEU A 125 -8.56 -1.90 16.64
C LEU A 125 -9.47 -1.38 17.77
N GLY A 126 -9.78 -0.08 17.71
CA GLY A 126 -10.64 0.58 18.69
C GLY A 126 -9.99 0.88 20.05
N SER A 127 -8.67 0.77 20.17
CA SER A 127 -8.03 0.78 21.48
C SER A 127 -6.76 1.62 21.46
N TRP A 128 -6.67 2.61 22.38
CA TRP A 128 -5.47 3.40 22.55
C TRP A 128 -4.37 2.57 23.20
N GLY A 129 -3.13 2.81 22.76
CA GLY A 129 -2.00 2.15 23.38
C GLY A 129 -0.71 2.91 23.09
N SER A 130 0.32 2.58 23.86
CA SER A 130 1.64 3.18 23.74
C SER A 130 2.38 2.62 22.53
N LEU A 131 3.57 3.17 22.29
CA LEU A 131 4.53 2.60 21.38
C LEU A 131 5.82 2.26 22.12
N CYS A 132 6.57 1.31 21.56
CA CYS A 132 7.84 0.93 22.16
C CYS A 132 8.91 2.00 21.96
N ASN A 133 9.68 2.28 23.01
CA ASN A 133 10.78 3.22 22.92
C ASN A 133 11.78 2.80 21.84
N SER A 134 12.06 1.48 21.75
CA SER A 134 13.05 0.97 20.81
C SER A 134 12.56 0.99 19.36
N HIS A 135 11.26 1.25 19.13
CA HIS A 135 10.66 1.25 17.81
C HIS A 135 10.49 2.68 17.26
N TRP A 136 10.96 3.68 18.02
CA TRP A 136 10.60 5.07 17.75
C TRP A 136 11.87 5.90 17.64
N ASP A 137 12.01 6.67 16.57
CA ASP A 137 13.26 7.38 16.35
C ASP A 137 12.95 8.87 16.25
N MET A 138 14.00 9.66 16.02
CA MET A 138 13.92 11.10 15.96
C MET A 138 13.19 11.55 14.68
N GLU A 139 13.37 10.80 13.58
CA GLU A 139 12.68 11.04 12.32
C GLU A 139 11.15 10.95 12.50
N ASP A 140 10.69 9.92 13.23
CA ASP A 140 9.29 9.78 13.57
C ASP A 140 8.77 10.96 14.39
N ALA A 141 9.62 11.47 15.28
CA ALA A 141 9.24 12.57 16.18
C ALA A 141 9.04 13.88 15.41
N HIS A 142 9.93 14.16 14.43
CA HIS A 142 9.82 15.35 13.60
C HIS A 142 8.52 15.35 12.80
N VAL A 143 8.10 14.17 12.30
CA VAL A 143 6.91 14.07 11.49
C VAL A 143 5.67 14.32 12.35
N LEU A 144 5.62 13.69 13.53
CA LEU A 144 4.48 13.86 14.44
C LEU A 144 4.33 15.31 14.92
N CYS A 145 5.44 15.99 15.29
CA CYS A 145 5.39 17.39 15.73
C CYS A 145 4.89 18.32 14.60
N GLN A 146 5.29 18.05 13.35
CA GLN A 146 4.71 18.76 12.20
C GLN A 146 3.21 18.48 12.03
N GLN A 147 2.77 17.21 12.18
CA GLN A 147 1.35 16.81 12.13
C GLN A 147 0.52 17.52 13.21
N LEU A 148 1.04 17.62 14.44
CA LEU A 148 0.32 18.25 15.55
C LEU A 148 0.43 19.79 15.53
N LYS A 149 1.18 20.33 14.54
CA LYS A 149 1.46 21.75 14.37
C LYS A 149 2.15 22.33 15.61
N CYS A 150 3.26 21.70 16.01
CA CYS A 150 3.98 21.97 17.25
C CYS A 150 5.48 22.17 16.96
N GLY A 151 5.80 22.71 15.79
CA GLY A 151 7.18 23.04 15.46
C GLY A 151 8.02 21.82 15.12
N VAL A 152 9.17 21.71 15.78
CA VAL A 152 10.17 20.69 15.50
C VAL A 152 10.28 19.80 16.73
N ALA A 153 10.96 18.69 16.56
CA ALA A 153 11.09 17.73 17.63
C ALA A 153 12.39 18.06 18.36
N LEU A 154 12.33 18.11 19.70
CA LEU A 154 13.50 18.39 20.52
C LEU A 154 14.13 17.10 21.02
N SER A 155 13.30 16.27 21.65
CA SER A 155 13.78 15.10 22.35
C SER A 155 12.80 13.92 22.22
N ILE A 156 13.36 12.72 22.30
CA ILE A 156 12.60 11.49 22.48
C ILE A 156 13.04 10.80 23.76
N PRO A 157 12.65 11.32 24.95
CA PRO A 157 13.16 10.81 26.22
C PRO A 157 12.62 9.41 26.53
N GLY A 158 13.52 8.50 26.94
CA GLY A 158 13.21 7.09 27.06
C GLY A 158 12.67 6.67 28.43
N GLY A 159 12.88 7.51 29.46
CA GLY A 159 12.63 7.06 30.83
C GLY A 159 11.22 7.37 31.35
N ALA A 160 10.28 7.55 30.40
CA ALA A 160 8.86 7.79 30.63
C ALA A 160 8.54 9.01 31.49
N PRO A 161 8.96 10.25 31.14
CA PRO A 161 8.76 11.39 32.04
C PRO A 161 7.32 11.89 32.16
N PHE A 162 6.41 11.42 31.29
CA PHE A 162 5.01 11.81 31.34
C PHE A 162 4.13 10.66 31.77
N GLY A 163 4.75 9.61 32.33
CA GLY A 163 4.01 8.43 32.77
C GLY A 163 4.05 7.32 31.73
N LYS A 164 4.00 6.07 32.20
CA LYS A 164 4.04 4.91 31.31
C LYS A 164 2.67 4.62 30.73
N GLY A 165 1.63 5.18 31.36
CA GLY A 165 0.25 4.94 30.95
C GLY A 165 -0.27 3.63 31.53
N SER A 166 -1.59 3.57 31.73
CA SER A 166 -2.21 2.38 32.27
C SER A 166 -2.75 1.49 31.16
N GLU A 167 -1.97 1.22 30.09
CA GLU A 167 -2.56 0.51 28.96
C GLU A 167 -1.52 -0.27 28.16
N GLN A 168 -2.07 -0.95 27.12
CA GLN A 168 -1.41 -1.76 26.11
C GLN A 168 -0.31 -1.00 25.36
N VAL A 169 0.66 -1.76 24.82
CA VAL A 169 1.71 -1.23 23.98
C VAL A 169 1.51 -1.79 22.58
N TRP A 170 1.37 -0.91 21.57
CA TRP A 170 1.42 -1.34 20.19
C TRP A 170 2.89 -1.45 19.76
N ARG A 171 3.16 -2.47 18.95
CA ARG A 171 4.51 -2.86 18.60
C ARG A 171 4.88 -2.29 17.20
N HIS A 172 4.04 -1.43 16.63
CA HIS A 172 4.24 -0.78 15.33
C HIS A 172 5.57 -0.03 15.23
N MET A 173 6.19 -0.15 14.06
CA MET A 173 7.51 0.43 13.83
C MET A 173 7.37 1.40 12.67
N PHE A 174 7.22 2.68 13.01
CA PHE A 174 7.22 3.70 11.97
C PHE A 174 8.65 3.91 11.50
N HIS A 175 8.80 4.07 10.18
CA HIS A 175 10.08 4.24 9.52
C HIS A 175 9.99 5.49 8.67
N CYS A 176 9.59 6.60 9.30
CA CYS A 176 9.61 7.88 8.64
C CYS A 176 11.03 8.24 8.22
N THR A 177 11.17 8.82 7.04
CA THR A 177 12.46 9.34 6.63
C THR A 177 12.77 10.65 7.36
N GLY A 178 11.73 11.35 7.86
CA GLY A 178 11.85 12.64 8.52
C GLY A 178 11.25 13.80 7.72
N THR A 179 11.09 13.63 6.39
CA THR A 179 10.57 14.71 5.53
C THR A 179 9.06 14.67 5.34
N GLU A 180 8.35 13.76 6.01
CA GLU A 180 6.91 13.61 5.81
C GLU A 180 6.14 14.64 6.65
N LYS A 181 4.89 14.92 6.24
CA LYS A 181 4.10 15.97 6.87
C LYS A 181 2.93 15.43 7.68
N HIS A 182 2.83 14.09 7.79
CA HIS A 182 1.78 13.38 8.52
C HIS A 182 2.30 11.97 8.74
N MET A 183 1.96 11.36 9.88
CA MET A 183 2.46 10.02 10.24
C MET A 183 1.93 8.96 9.27
N GLY A 184 0.76 9.22 8.66
CA GLY A 184 0.13 8.35 7.66
C GLY A 184 0.90 8.25 6.34
N ASP A 185 1.86 9.15 6.11
CA ASP A 185 2.65 9.18 4.89
C ASP A 185 3.94 8.37 5.05
N CYS A 186 4.20 7.92 6.28
CA CYS A 186 5.41 7.18 6.59
C CYS A 186 5.16 5.70 6.39
N SER A 187 6.22 4.98 5.99
CA SER A 187 6.14 3.53 5.96
C SER A 187 6.15 2.97 7.38
N VAL A 188 5.41 1.88 7.60
CA VAL A 188 5.16 1.34 8.93
C VAL A 188 4.96 -0.16 8.82
N THR A 189 5.45 -0.87 9.85
CA THR A 189 5.33 -2.31 9.96
C THR A 189 4.79 -2.64 11.35
N ALA A 190 3.82 -3.53 11.40
CA ALA A 190 3.41 -4.15 12.65
C ALA A 190 3.55 -5.66 12.58
N LEU A 191 3.51 -6.26 11.38
CA LEU A 191 3.50 -7.71 11.24
C LEU A 191 4.80 -8.29 11.79
N GLY A 192 4.60 -9.27 12.71
CA GLY A 192 5.64 -9.99 13.38
C GLY A 192 6.48 -9.14 14.35
N ALA A 193 6.06 -7.91 14.67
CA ALA A 193 6.94 -6.99 15.39
C ALA A 193 7.13 -7.46 16.83
N SER A 194 8.37 -7.32 17.31
CA SER A 194 8.80 -7.84 18.61
C SER A 194 8.12 -7.05 19.71
N LEU A 195 7.92 -7.72 20.85
CA LEU A 195 7.47 -7.05 22.07
C LEU A 195 8.65 -6.24 22.62
N CYS A 196 8.34 -5.29 23.49
CA CYS A 196 9.37 -4.54 24.21
C CYS A 196 9.12 -4.78 25.69
N SER A 197 10.07 -4.37 26.53
CA SER A 197 9.90 -4.52 27.97
C SER A 197 8.77 -3.60 28.42
N SER A 198 7.96 -4.09 29.39
CA SER A 198 6.84 -3.36 29.98
C SER A 198 7.29 -1.95 30.37
N GLY A 199 6.51 -0.93 29.95
CA GLY A 199 6.76 0.42 30.41
C GLY A 199 7.95 1.11 29.75
N GLN A 200 8.65 0.44 28.81
CA GLN A 200 9.66 1.09 28.00
C GLN A 200 8.97 1.76 26.79
N VAL A 201 8.34 2.91 27.06
CA VAL A 201 7.40 3.47 26.11
C VAL A 201 7.99 4.73 25.51
N ALA A 202 7.45 5.12 24.33
CA ALA A 202 8.01 6.24 23.57
C ALA A 202 7.35 7.54 24.00
N SER A 203 8.17 8.58 24.04
CA SER A 203 7.75 9.91 24.47
C SER A 203 8.39 10.91 23.50
N VAL A 204 7.71 12.04 23.31
CA VAL A 204 8.18 13.10 22.43
C VAL A 204 8.04 14.42 23.20
N ILE A 205 9.09 15.25 23.13
CA ILE A 205 8.98 16.67 23.42
C ILE A 205 9.17 17.45 22.11
N CYS A 206 8.16 18.23 21.71
CA CYS A 206 8.32 19.14 20.57
C CYS A 206 8.70 20.53 21.08
N SER A 207 9.09 21.41 20.15
CA SER A 207 9.48 22.77 20.47
C SER A 207 8.29 23.67 20.76
N GLY A 208 7.09 23.28 20.28
CA GLY A 208 6.00 24.24 20.11
C GLY A 208 6.22 25.05 18.84
N ASN A 209 5.20 25.82 18.45
CA ASN A 209 5.25 26.53 17.18
C ASN A 209 5.96 27.89 17.28
N GLN A 210 6.74 28.12 18.36
CA GLN A 210 7.66 29.25 18.46
C GLN A 210 8.88 29.03 17.57
N SER A 211 9.14 27.77 17.17
CA SER A 211 9.97 27.41 16.03
C SER A 211 9.06 26.87 14.93
N GLN A 212 9.38 27.19 13.68
CA GLN A 212 8.66 26.62 12.55
C GLN A 212 9.28 25.26 12.22
N THR A 213 8.51 24.42 11.50
CA THR A 213 9.02 23.11 11.11
C THR A 213 10.08 23.29 10.02
N LEU A 214 11.14 22.48 10.10
CA LEU A 214 12.17 22.43 9.08
C LEU A 214 11.60 21.92 7.75
N SER A 215 12.09 22.52 6.65
CA SER A 215 11.90 22.02 5.30
C SER A 215 12.88 20.89 4.98
N PRO A 216 12.60 20.01 3.99
CA PRO A 216 13.62 19.10 3.49
C PRO A 216 14.78 19.80 2.76
N CYS A 217 15.97 19.23 2.93
CA CYS A 217 17.16 19.66 2.21
C CYS A 217 17.02 19.31 0.72
N ASN A 218 17.60 20.15 -0.13
CA ASN A 218 17.44 20.06 -1.56
C ASN A 218 18.77 19.92 -2.30
N SER A 219 19.89 19.90 -1.56
CA SER A 219 21.21 19.99 -2.19
C SER A 219 21.87 18.61 -2.25
N SER A 220 22.58 18.39 -3.35
CA SER A 220 23.40 17.20 -3.58
C SER A 220 24.74 17.58 -4.21
N SER A 221 25.16 18.84 -4.04
CA SER A 221 26.46 19.32 -4.50
C SER A 221 27.60 18.65 -3.72
N SER A 222 27.47 18.62 -2.39
CA SER A 222 28.49 18.10 -1.50
C SER A 222 28.42 16.57 -1.40
N ASP A 223 29.36 16.02 -0.61
CA ASP A 223 29.26 14.67 -0.09
C ASP A 223 28.03 14.60 0.81
N PRO A 224 27.18 13.54 0.75
CA PRO A 224 25.97 13.49 1.58
C PRO A 224 26.22 13.37 3.08
N SER A 225 25.36 14.04 3.84
CA SER A 225 25.50 14.12 5.28
C SER A 225 24.97 12.85 5.95
N SER A 226 25.67 12.40 7.02
CA SER A 226 25.23 11.26 7.81
C SER A 226 24.37 11.68 9.01
N SER A 227 24.07 12.98 9.17
CA SER A 227 23.17 13.42 10.23
C SER A 227 21.77 13.66 9.65
N ILE A 228 20.79 13.75 10.55
CA ILE A 228 19.41 14.08 10.19
C ILE A 228 19.33 15.53 9.71
N ILE A 229 20.15 16.41 10.32
CA ILE A 229 20.03 17.84 10.11
C ILE A 229 21.24 18.30 9.30
N SER A 230 20.98 19.07 8.24
CA SER A 230 22.02 19.72 7.44
C SER A 230 21.77 21.23 7.44
N GLU A 231 22.70 21.97 6.82
CA GLU A 231 22.60 23.43 6.71
C GLU A 231 22.54 23.81 5.23
N GLU A 232 21.55 24.63 4.86
CA GLU A 232 21.33 24.98 3.47
C GLU A 232 20.62 26.34 3.39
N ASN A 233 21.27 27.28 2.70
CA ASN A 233 20.82 28.67 2.49
C ASN A 233 20.61 29.39 3.82
N GLY A 234 21.53 29.18 4.77
CA GLY A 234 21.49 29.78 6.09
C GLY A 234 20.36 29.27 7.01
N VAL A 235 19.72 28.14 6.67
CA VAL A 235 18.61 27.56 7.42
C VAL A 235 18.95 26.09 7.70
N ALA A 236 18.56 25.57 8.87
CA ALA A 236 18.55 24.13 9.13
C ALA A 236 17.44 23.47 8.30
N CYS A 237 17.71 22.20 7.93
CA CYS A 237 16.85 21.44 7.02
C CYS A 237 17.03 19.95 7.29
N ILE A 238 15.95 19.19 7.10
CA ILE A 238 16.01 17.74 7.32
C ILE A 238 16.55 17.09 6.06
N GLY A 239 17.60 16.28 6.23
CA GLY A 239 18.19 15.52 5.14
C GLY A 239 17.20 14.50 4.62
N SER A 240 16.69 14.77 3.41
CA SER A 240 16.04 13.77 2.60
C SER A 240 17.04 12.65 2.37
N GLY A 241 16.58 11.41 2.57
CA GLY A 241 17.45 10.25 2.46
C GLY A 241 17.87 10.07 1.00
N GLN A 242 19.18 10.19 0.74
CA GLN A 242 19.70 10.19 -0.61
C GLN A 242 20.09 8.78 -1.08
N LEU A 243 19.42 7.76 -0.52
CA LEU A 243 19.64 6.37 -0.88
C LEU A 243 18.27 5.73 -0.90
N ARG A 244 18.03 4.92 -1.95
CA ARG A 244 16.78 4.19 -2.07
C ARG A 244 17.08 2.81 -2.65
N LEU A 245 16.17 1.87 -2.41
CA LEU A 245 16.15 0.61 -3.14
C LEU A 245 14.97 0.62 -4.10
N VAL A 246 15.20 0.17 -5.33
CA VAL A 246 14.17 0.21 -6.36
C VAL A 246 14.04 -1.18 -6.99
N ASP A 247 12.83 -1.48 -7.48
CA ASP A 247 12.46 -2.68 -8.23
C ASP A 247 12.64 -3.96 -7.42
N GLY A 248 12.50 -3.89 -6.09
CA GLY A 248 12.65 -5.07 -5.26
C GLY A 248 11.31 -5.62 -4.79
N GLY A 249 10.24 -4.85 -5.00
CA GLY A 249 8.90 -5.23 -4.57
C GLY A 249 8.68 -5.03 -3.06
N GLY A 250 9.37 -4.04 -2.47
CA GLY A 250 9.24 -3.76 -1.06
C GLY A 250 10.32 -2.77 -0.62
N ARG A 251 10.27 -2.35 0.64
CA ARG A 251 11.14 -1.28 1.11
C ARG A 251 12.57 -1.79 1.32
N CYS A 252 12.74 -3.06 1.70
CA CYS A 252 14.06 -3.51 2.14
C CYS A 252 14.74 -4.42 1.12
N ALA A 253 14.40 -4.33 -0.17
CA ALA A 253 15.19 -4.99 -1.20
C ALA A 253 15.19 -4.16 -2.48
N GLY A 254 16.22 -4.38 -3.30
CA GLY A 254 16.24 -3.86 -4.65
C GLY A 254 17.58 -3.24 -5.00
N ARG A 255 17.63 -2.66 -6.20
CA ARG A 255 18.82 -2.00 -6.71
C ARG A 255 19.12 -0.74 -5.88
N VAL A 256 20.39 -0.57 -5.49
CA VAL A 256 20.78 0.55 -4.65
C VAL A 256 20.98 1.77 -5.55
N GLU A 257 20.20 2.84 -5.26
CA GLU A 257 20.30 4.07 -6.00
C GLU A 257 20.65 5.22 -5.05
N VAL A 258 21.53 6.13 -5.52
CA VAL A 258 22.15 7.18 -4.73
C VAL A 258 21.97 8.54 -5.45
N TYR A 259 21.54 9.57 -4.69
CA TYR A 259 21.26 10.89 -5.23
C TYR A 259 22.47 11.81 -5.07
N HIS A 260 23.00 12.28 -6.18
CA HIS A 260 24.17 13.16 -6.18
C HIS A 260 24.15 14.01 -7.44
N GLU A 261 24.59 15.28 -7.31
CA GLU A 261 24.67 16.28 -8.37
C GLU A 261 23.34 16.41 -9.14
N GLY A 262 22.21 16.35 -8.42
CA GLY A 262 20.89 16.47 -9.01
C GLY A 262 20.32 15.19 -9.61
N SER A 263 21.06 14.07 -9.64
CA SER A 263 20.56 12.87 -10.30
C SER A 263 20.64 11.63 -9.39
N TRP A 264 19.61 10.78 -9.46
CA TRP A 264 19.70 9.42 -8.94
C TRP A 264 20.65 8.59 -9.80
N GLY A 265 21.54 7.83 -9.14
CA GLY A 265 22.50 7.03 -9.87
C GLY A 265 22.73 5.69 -9.17
N THR A 266 23.31 4.75 -9.90
CA THR A 266 23.48 3.40 -9.40
C THR A 266 24.90 3.18 -8.87
N ILE A 267 25.11 1.96 -8.32
CA ILE A 267 26.39 1.51 -7.80
C ILE A 267 26.86 0.34 -8.65
N CYS A 268 28.14 0.34 -9.06
CA CYS A 268 28.75 -0.79 -9.76
C CYS A 268 29.01 -1.94 -8.79
N ASP A 269 28.89 -3.17 -9.28
CA ASP A 269 28.99 -4.34 -8.42
C ASP A 269 30.43 -4.81 -8.17
N ASP A 270 31.44 -4.12 -8.69
CA ASP A 270 32.83 -4.52 -8.44
C ASP A 270 33.18 -4.22 -6.98
N SER A 271 33.70 -5.26 -6.29
CA SER A 271 33.94 -5.31 -4.85
C SER A 271 32.66 -5.10 -4.02
N TRP A 272 31.49 -5.41 -4.57
CA TRP A 272 30.23 -5.22 -3.84
C TRP A 272 29.88 -6.52 -3.13
N ASP A 273 30.07 -6.54 -1.81
CA ASP A 273 29.92 -7.76 -1.02
C ASP A 273 28.96 -7.48 0.14
N LEU A 274 28.83 -8.47 1.03
CA LEU A 274 27.82 -8.47 2.09
C LEU A 274 28.02 -7.34 3.09
N ASN A 275 29.28 -6.97 3.39
CA ASN A 275 29.62 -5.88 4.30
C ASN A 275 29.08 -4.54 3.79
N ASP A 276 29.17 -4.33 2.47
CA ASP A 276 28.61 -3.13 1.83
C ASP A 276 27.10 -3.10 1.97
N ALA A 277 26.50 -4.28 1.78
CA ALA A 277 25.06 -4.45 1.82
C ALA A 277 24.53 -4.22 3.23
N HIS A 278 25.29 -4.68 4.26
CA HIS A 278 24.97 -4.48 5.67
C HIS A 278 24.84 -3.00 6.02
N VAL A 279 25.78 -2.20 5.54
CA VAL A 279 25.79 -0.76 5.77
C VAL A 279 24.53 -0.10 5.18
N VAL A 280 24.20 -0.45 3.93
CA VAL A 280 22.99 -0.02 3.22
C VAL A 280 21.74 -0.37 4.05
N CYS A 281 21.60 -1.65 4.44
CA CYS A 281 20.45 -2.12 5.19
C CYS A 281 20.35 -1.48 6.59
N LYS A 282 21.50 -1.22 7.23
CA LYS A 282 21.54 -0.48 8.51
C LYS A 282 20.98 0.93 8.34
N GLN A 283 21.45 1.63 7.28
CA GLN A 283 21.10 3.02 7.01
C GLN A 283 19.62 3.19 6.68
N LEU A 284 19.02 2.18 6.03
CA LEU A 284 17.60 2.23 5.69
C LEU A 284 16.66 1.70 6.79
N SER A 285 17.19 1.28 7.93
CA SER A 285 16.46 0.60 9.01
C SER A 285 15.75 -0.63 8.46
N CYS A 286 16.55 -1.50 7.82
CA CYS A 286 16.05 -2.71 7.19
C CYS A 286 16.69 -3.96 7.78
N GLY A 287 17.36 -3.80 8.93
CA GLY A 287 17.97 -4.93 9.59
C GLY A 287 19.38 -5.16 9.05
N TRP A 288 19.72 -6.43 8.85
CA TRP A 288 20.99 -6.83 8.31
C TRP A 288 20.81 -7.31 6.86
N ALA A 289 21.91 -7.43 6.13
CA ALA A 289 21.86 -7.95 4.77
C ALA A 289 21.84 -9.48 4.76
N ILE A 290 21.01 -10.05 3.88
CA ILE A 290 21.08 -11.47 3.57
C ILE A 290 21.68 -11.68 2.17
N ASN A 291 21.59 -10.69 1.28
CA ASN A 291 22.17 -10.79 -0.05
C ASN A 291 22.75 -9.45 -0.48
N ALA A 292 23.99 -9.49 -1.02
CA ALA A 292 24.52 -8.43 -1.86
C ALA A 292 24.48 -8.92 -3.30
N THR A 293 23.60 -8.32 -4.10
CA THR A 293 23.39 -8.79 -5.46
C THR A 293 24.19 -7.92 -6.42
N GLY A 294 24.72 -8.55 -7.47
CA GLY A 294 25.31 -7.82 -8.56
C GLY A 294 24.54 -8.10 -9.85
N SER A 295 25.22 -7.88 -10.99
CA SER A 295 24.82 -8.34 -12.31
C SER A 295 23.44 -7.82 -12.75
N ALA A 296 23.07 -6.62 -12.26
CA ALA A 296 21.81 -5.94 -12.55
C ALA A 296 20.58 -6.82 -12.30
N HIS A 297 20.58 -7.49 -11.13
CA HIS A 297 19.60 -8.52 -10.76
C HIS A 297 18.16 -7.99 -10.69
N PHE A 298 18.00 -6.79 -10.13
CA PHE A 298 16.68 -6.16 -10.06
C PHE A 298 16.41 -5.28 -11.28
N GLY A 299 17.35 -5.27 -12.25
CA GLY A 299 17.26 -4.42 -13.42
C GLY A 299 18.40 -3.41 -13.49
N GLU A 300 18.40 -2.63 -14.57
CA GLU A 300 19.48 -1.70 -14.86
C GLU A 300 18.99 -0.28 -14.64
N GLY A 301 19.89 0.59 -14.19
CA GLY A 301 19.49 1.93 -13.79
C GLY A 301 19.45 2.92 -14.94
N THR A 302 18.71 4.02 -14.71
CA THR A 302 18.62 5.15 -15.63
C THR A 302 19.30 6.34 -14.96
N GLY A 303 20.51 6.65 -15.41
CA GLY A 303 21.27 7.73 -14.78
C GLY A 303 22.73 7.34 -14.71
N PRO A 304 23.59 8.17 -14.08
CA PRO A 304 25.01 7.83 -13.97
C PRO A 304 25.31 6.66 -13.03
N ILE A 305 26.50 6.09 -13.14
CA ILE A 305 26.97 5.12 -12.17
C ILE A 305 27.91 5.87 -11.25
N TRP A 306 27.42 6.26 -10.07
CA TRP A 306 28.16 7.19 -9.23
C TRP A 306 29.30 6.48 -8.50
N LEU A 307 29.00 5.36 -7.84
CA LEU A 307 29.96 4.79 -6.90
C LEU A 307 30.45 3.44 -7.42
N ASP A 308 31.67 3.08 -7.02
CA ASP A 308 32.35 1.88 -7.47
C ASP A 308 33.41 1.49 -6.45
N GLU A 309 33.69 0.18 -6.35
CA GLU A 309 34.72 -0.46 -5.55
C GLU A 309 34.55 -0.06 -4.08
N ILE A 310 33.30 -0.07 -3.61
CA ILE A 310 32.98 0.29 -2.25
C ILE A 310 33.47 -0.83 -1.36
N ASN A 311 34.29 -0.45 -0.37
CA ASN A 311 34.88 -1.39 0.58
C ASN A 311 34.59 -0.86 1.98
N CYS A 312 33.42 -1.25 2.49
CA CYS A 312 33.06 -1.08 3.89
C CYS A 312 33.64 -2.27 4.63
N ASN A 313 34.09 -2.05 5.85
CA ASN A 313 34.36 -3.18 6.72
C ASN A 313 33.10 -3.60 7.48
N GLY A 314 32.08 -2.73 7.48
CA GLY A 314 30.82 -2.99 8.16
C GLY A 314 30.60 -2.10 9.38
N LYS A 315 31.64 -1.37 9.80
CA LYS A 315 31.56 -0.40 10.89
C LYS A 315 30.50 0.69 10.64
N GLU A 316 30.40 1.14 9.38
CA GLU A 316 29.84 2.43 9.03
C GLU A 316 28.33 2.42 9.21
N SER A 317 27.77 3.58 9.60
CA SER A 317 26.33 3.72 9.72
C SER A 317 25.72 4.29 8.43
N HIS A 318 26.58 4.71 7.48
CA HIS A 318 26.16 5.26 6.20
C HIS A 318 27.17 4.86 5.14
N ILE A 319 26.71 4.70 3.90
CA ILE A 319 27.55 4.21 2.81
C ILE A 319 28.55 5.29 2.37
N TRP A 320 28.27 6.54 2.75
CA TRP A 320 29.12 7.69 2.41
C TRP A 320 30.40 7.72 3.24
N GLN A 321 30.34 7.12 4.43
CA GLN A 321 31.50 6.89 5.28
C GLN A 321 32.43 5.79 4.76
N CYS A 322 32.00 4.96 3.79
CA CYS A 322 32.83 3.87 3.30
C CYS A 322 33.86 4.37 2.27
N HIS A 323 34.98 3.64 2.17
CA HIS A 323 35.97 3.92 1.15
C HIS A 323 35.49 3.42 -0.21
N SER A 324 35.58 4.30 -1.24
CA SER A 324 35.23 3.93 -2.60
C SER A 324 36.26 4.52 -3.56
N HIS A 325 35.86 4.66 -4.83
CA HIS A 325 36.61 5.38 -5.85
C HIS A 325 36.08 6.80 -6.07
N GLY A 326 35.19 7.29 -5.19
CA GLY A 326 34.64 8.63 -5.37
C GLY A 326 33.60 8.69 -6.50
N TRP A 327 33.23 9.92 -6.86
CA TRP A 327 32.03 10.18 -7.64
C TRP A 327 32.30 10.19 -9.14
N GLY A 328 31.58 9.34 -9.87
CA GLY A 328 31.58 9.32 -11.33
C GLY A 328 32.86 8.70 -11.92
N ARG A 329 32.92 8.63 -13.25
CA ARG A 329 34.12 8.22 -13.98
C ARG A 329 34.59 6.83 -13.56
N HIS A 330 33.80 5.80 -13.86
CA HIS A 330 34.18 4.43 -13.56
C HIS A 330 34.10 3.56 -14.80
N ASN A 331 34.85 2.44 -14.80
CA ASN A 331 35.02 1.65 -16.00
C ASN A 331 34.02 0.48 -16.08
N CYS A 332 32.72 0.75 -15.94
CA CYS A 332 31.71 -0.31 -15.97
C CYS A 332 30.35 0.23 -16.39
N ARG A 333 29.48 -0.69 -16.86
CA ARG A 333 28.17 -0.38 -17.42
C ARG A 333 27.04 -0.87 -16.49
N HIS A 334 25.79 -0.54 -16.87
CA HIS A 334 24.59 -0.81 -16.07
C HIS A 334 24.16 -2.29 -16.02
N LYS A 335 24.89 -3.19 -16.70
CA LYS A 335 24.69 -4.64 -16.60
C LYS A 335 25.29 -5.21 -15.29
N GLU A 336 25.83 -4.33 -14.45
CA GLU A 336 26.53 -4.68 -13.21
C GLU A 336 26.08 -3.79 -12.07
N ASP A 337 24.82 -3.31 -12.10
CA ASP A 337 24.27 -2.52 -11.02
C ASP A 337 24.09 -3.37 -9.77
N ALA A 338 24.44 -2.77 -8.62
CA ALA A 338 24.40 -3.47 -7.35
C ALA A 338 23.01 -3.36 -6.72
N GLY A 339 22.65 -4.37 -5.93
CA GLY A 339 21.45 -4.32 -5.12
C GLY A 339 21.61 -5.15 -3.85
N VAL A 340 20.57 -5.13 -3.00
CA VAL A 340 20.56 -5.79 -1.71
C VAL A 340 19.21 -6.50 -1.51
N ILE A 341 19.24 -7.53 -0.66
CA ILE A 341 18.06 -8.05 0.01
C ILE A 341 18.38 -8.03 1.50
N CYS A 342 17.56 -7.31 2.27
CA CYS A 342 17.79 -7.14 3.69
C CYS A 342 16.84 -8.03 4.50
N SER A 343 17.16 -8.20 5.79
CA SER A 343 16.45 -9.14 6.65
C SER A 343 15.02 -8.68 6.98
N GLU A 344 14.71 -7.37 6.88
CA GLU A 344 13.35 -6.91 7.09
C GLU A 344 12.49 -6.95 5.81
N PHE A 345 13.01 -7.50 4.70
CA PHE A 345 12.23 -7.59 3.48
C PHE A 345 11.16 -8.66 3.66
N MET A 346 9.91 -8.30 3.30
CA MET A 346 8.76 -9.16 3.47
C MET A 346 8.08 -9.38 2.11
N SER A 347 7.64 -10.60 1.87
CA SER A 347 6.92 -10.92 0.63
C SER A 347 5.90 -12.02 0.93
N LEU A 348 4.98 -12.23 0.01
CA LEU A 348 3.81 -13.04 0.34
C LEU A 348 3.43 -13.88 -0.88
N ARG A 349 3.09 -15.17 -0.65
CA ARG A 349 2.64 -15.97 -1.77
C ARG A 349 1.59 -16.99 -1.31
N LEU A 350 0.82 -17.49 -2.30
CA LEU A 350 0.01 -18.71 -2.17
C LEU A 350 0.63 -19.80 -3.04
N ILE A 351 0.89 -20.98 -2.46
CA ILE A 351 1.47 -22.09 -3.19
C ILE A 351 0.42 -23.19 -3.36
N SER A 352 0.08 -23.51 -4.61
CA SER A 352 -0.67 -24.72 -4.96
C SER A 352 0.32 -25.86 -5.26
N GLU A 353 0.01 -27.05 -4.73
CA GLU A 353 0.90 -28.21 -4.81
C GLU A 353 1.00 -28.73 -6.25
N ASN A 354 -0.14 -28.83 -6.94
CA ASN A 354 -0.18 -29.36 -8.30
C ASN A 354 -0.62 -28.29 -9.31
N SER A 355 -0.55 -27.01 -8.91
CA SER A 355 -0.91 -25.82 -9.68
C SER A 355 -2.38 -25.87 -10.09
N ARG A 356 -2.67 -25.25 -11.27
CA ARG A 356 -3.98 -25.07 -11.94
C ARG A 356 -4.74 -23.87 -11.34
N GLU A 357 -4.41 -23.46 -10.10
CA GLU A 357 -5.18 -22.45 -9.39
C GLU A 357 -4.35 -21.19 -9.24
N THR A 358 -5.03 -20.04 -9.38
CA THR A 358 -4.37 -18.73 -9.45
C THR A 358 -4.56 -17.94 -8.16
N CYS A 359 -5.75 -18.01 -7.56
CA CYS A 359 -6.03 -17.28 -6.32
C CYS A 359 -6.28 -18.25 -5.16
N ALA A 360 -5.52 -19.34 -5.09
CA ALA A 360 -5.74 -20.35 -4.06
C ALA A 360 -4.44 -21.08 -3.75
N GLY A 361 -4.31 -21.53 -2.50
CA GLY A 361 -3.09 -22.22 -2.06
C GLY A 361 -2.82 -21.99 -0.58
N ARG A 362 -1.68 -22.52 -0.13
CA ARG A 362 -1.21 -22.33 1.23
C ARG A 362 -0.52 -20.97 1.37
N LEU A 363 -0.98 -20.17 2.34
CA LEU A 363 -0.42 -18.84 2.58
C LEU A 363 0.98 -18.97 3.17
N GLU A 364 1.94 -18.26 2.53
CA GLU A 364 3.33 -18.22 2.96
C GLU A 364 3.87 -16.79 2.92
N VAL A 365 4.78 -16.51 3.87
CA VAL A 365 5.44 -15.21 3.98
C VAL A 365 6.96 -15.42 3.91
N PHE A 366 7.65 -14.49 3.25
CA PHE A 366 9.09 -14.43 3.20
C PHE A 366 9.57 -13.40 4.22
N TYR A 367 10.51 -13.76 5.10
CA TYR A 367 11.08 -12.88 6.12
C TYR A 367 12.42 -13.46 6.55
N ASN A 368 13.41 -12.60 6.90
CA ASN A 368 14.77 -12.95 7.29
C ASN A 368 15.41 -13.98 6.33
N GLY A 369 15.12 -13.85 5.03
CA GLY A 369 15.80 -14.66 4.03
C GLY A 369 15.13 -16.00 3.74
N ALA A 370 13.96 -16.25 4.34
CA ALA A 370 13.32 -17.57 4.32
C ALA A 370 11.81 -17.45 4.13
N TRP A 371 11.23 -18.38 3.34
CA TRP A 371 9.79 -18.62 3.32
C TRP A 371 9.35 -19.42 4.54
N GLY A 372 8.11 -19.19 4.97
CA GLY A 372 7.48 -19.95 6.03
C GLY A 372 5.97 -19.73 6.02
N SER A 373 5.24 -20.66 6.64
CA SER A 373 3.79 -20.64 6.63
C SER A 373 3.28 -19.53 7.54
N VAL A 374 2.06 -19.06 7.26
CA VAL A 374 1.31 -18.21 8.17
C VAL A 374 0.28 -19.08 8.89
N GLY A 375 0.31 -19.02 10.23
CA GLY A 375 -0.65 -19.76 11.02
C GLY A 375 -2.06 -19.22 10.87
N ARG A 376 -3.03 -20.07 11.18
CA ARG A 376 -4.44 -19.75 10.95
C ARG A 376 -5.15 -19.22 12.18
N ASN A 377 -4.47 -19.20 13.34
CA ASN A 377 -5.11 -18.79 14.59
C ASN A 377 -5.51 -17.32 14.52
N SER A 378 -6.77 -17.07 14.95
CA SER A 378 -7.41 -15.78 15.16
C SER A 378 -7.75 -15.07 13.83
N MET A 379 -7.58 -15.76 12.71
CA MET A 379 -7.61 -15.09 11.43
C MET A 379 -9.07 -14.95 10.95
N SER A 380 -9.47 -13.67 10.82
CA SER A 380 -10.83 -13.25 10.51
C SER A 380 -11.00 -13.20 8.99
N PRO A 381 -12.25 -13.14 8.46
CA PRO A 381 -12.46 -12.84 7.04
C PRO A 381 -11.87 -11.54 6.49
N ALA A 382 -11.79 -10.49 7.33
CA ALA A 382 -11.26 -9.22 6.89
C ALA A 382 -9.74 -9.31 6.66
N THR A 383 -9.03 -10.08 7.50
CA THR A 383 -7.61 -10.36 7.29
C THR A 383 -7.36 -11.17 6.01
N VAL A 384 -8.26 -12.10 5.68
CA VAL A 384 -8.14 -12.89 4.46
C VAL A 384 -8.36 -12.00 3.23
N GLY A 385 -9.29 -11.05 3.32
CA GLY A 385 -9.52 -10.07 2.27
C GLY A 385 -8.31 -9.18 1.96
N VAL A 386 -7.56 -8.80 3.01
CA VAL A 386 -6.34 -8.02 2.84
C VAL A 386 -5.26 -8.83 2.12
N VAL A 387 -5.07 -10.08 2.57
CA VAL A 387 -4.20 -11.06 1.92
C VAL A 387 -4.57 -11.20 0.43
N CYS A 388 -5.86 -11.36 0.15
CA CYS A 388 -6.31 -11.61 -1.21
C CYS A 388 -6.18 -10.35 -2.07
N ARG A 389 -6.37 -9.16 -1.48
CA ARG A 389 -6.13 -7.91 -2.19
C ARG A 389 -4.64 -7.75 -2.51
N GLN A 390 -3.77 -8.08 -1.55
CA GLN A 390 -2.33 -7.93 -1.71
C GLN A 390 -1.76 -8.88 -2.77
N LEU A 391 -2.33 -10.07 -2.90
CA LEU A 391 -1.85 -11.03 -3.90
C LEU A 391 -2.39 -10.79 -5.30
N GLY A 392 -3.21 -9.75 -5.52
CA GLY A 392 -3.72 -9.44 -6.84
C GLY A 392 -5.04 -10.14 -7.17
N CYS A 393 -5.81 -10.54 -6.15
CA CYS A 393 -7.16 -11.07 -6.33
C CYS A 393 -8.16 -10.04 -5.80
N ALA A 394 -9.46 -10.39 -5.79
CA ALA A 394 -10.47 -9.53 -5.18
C ALA A 394 -10.29 -9.53 -3.66
N ASP A 395 -10.87 -8.54 -2.96
CA ASP A 395 -10.62 -8.40 -1.52
C ASP A 395 -11.52 -9.30 -0.66
N ARG A 396 -11.64 -10.59 -0.99
CA ARG A 396 -12.48 -11.48 -0.21
C ARG A 396 -11.95 -12.90 -0.41
N GLY A 397 -12.04 -13.72 0.63
CA GLY A 397 -11.68 -15.11 0.45
C GLY A 397 -12.13 -15.95 1.63
N ASP A 398 -11.84 -17.25 1.58
CA ASP A 398 -12.28 -18.21 2.57
C ASP A 398 -11.12 -19.12 2.97
N ILE A 399 -11.02 -19.38 4.27
CA ILE A 399 -10.06 -20.35 4.79
C ILE A 399 -10.66 -21.75 4.70
N SER A 400 -9.88 -22.67 4.12
CA SER A 400 -10.19 -24.10 4.06
C SER A 400 -10.26 -24.69 5.48
N PRO A 401 -11.03 -25.79 5.69
CA PRO A 401 -10.98 -26.55 6.94
C PRO A 401 -9.57 -27.01 7.31
N ALA A 402 -9.30 -27.06 8.62
CA ALA A 402 -8.03 -27.53 9.14
C ALA A 402 -7.82 -29.00 8.79
N SER A 403 -6.61 -29.31 8.32
CA SER A 403 -6.13 -30.67 8.12
C SER A 403 -6.14 -31.43 9.46
N SER A 404 -6.41 -32.73 9.38
CA SER A 404 -6.35 -33.60 10.56
C SER A 404 -4.90 -33.88 10.96
N ASP A 405 -3.97 -33.71 10.01
CA ASP A 405 -2.55 -34.02 10.13
C ASP A 405 -1.92 -33.13 11.22
N LYS A 406 -1.60 -33.74 12.36
CA LYS A 406 -1.08 -33.04 13.52
C LYS A 406 0.45 -33.11 13.60
N THR A 407 1.12 -33.65 12.56
CA THR A 407 2.56 -33.94 12.61
C THR A 407 3.34 -32.92 11.78
N VAL A 408 4.39 -32.36 12.37
CA VAL A 408 5.03 -31.14 11.88
C VAL A 408 5.96 -31.44 10.70
N SER A 409 5.79 -30.67 9.62
CA SER A 409 6.62 -30.81 8.42
C SER A 409 7.31 -29.48 8.08
N ARG A 410 6.53 -28.41 7.87
CA ARG A 410 7.07 -27.16 7.34
C ARG A 410 7.31 -26.12 8.43
N HIS A 411 8.08 -25.10 8.07
CA HIS A 411 8.33 -23.97 8.97
C HIS A 411 7.20 -22.96 8.88
N MET A 412 6.79 -22.48 10.06
CA MET A 412 5.86 -21.38 10.22
C MET A 412 6.66 -20.12 10.55
N TRP A 413 6.25 -18.94 10.03
CA TRP A 413 6.87 -17.70 10.48
C TRP A 413 6.08 -16.91 11.51
N VAL A 414 4.75 -16.84 11.40
CA VAL A 414 3.98 -15.86 12.15
C VAL A 414 2.58 -16.44 12.32
N ASP A 415 1.86 -15.97 13.33
CA ASP A 415 0.53 -16.43 13.68
C ASP A 415 -0.17 -15.25 14.34
N ASN A 416 -1.48 -15.40 14.58
CA ASN A 416 -2.36 -14.44 15.25
C ASN A 416 -2.42 -13.09 14.53
N VAL A 417 -2.59 -13.14 13.22
CA VAL A 417 -2.65 -11.92 12.42
C VAL A 417 -4.06 -11.34 12.51
N GLN A 418 -4.14 -10.06 12.87
CA GLN A 418 -5.41 -9.40 13.19
C GLN A 418 -5.36 -8.00 12.56
N CYS A 419 -5.84 -7.89 11.30
CA CYS A 419 -5.76 -6.64 10.54
C CYS A 419 -6.81 -5.62 11.00
N PRO A 420 -6.43 -4.33 11.17
CA PRO A 420 -7.41 -3.28 11.44
C PRO A 420 -7.97 -2.72 10.14
N LYS A 421 -8.96 -1.83 10.27
CA LYS A 421 -9.52 -1.15 9.11
C LYS A 421 -8.50 -0.15 8.60
N GLY A 422 -8.31 -0.16 7.28
CA GLY A 422 -7.51 0.85 6.60
C GLY A 422 -6.34 0.32 5.75
N PRO A 423 -5.39 -0.50 6.28
CA PRO A 423 -4.31 -1.02 5.44
C PRO A 423 -4.80 -1.98 4.37
N ASP A 424 -4.14 -1.94 3.20
CA ASP A 424 -4.38 -2.84 2.09
C ASP A 424 -3.21 -3.82 1.92
N THR A 425 -2.28 -3.85 2.89
CA THR A 425 -1.22 -4.87 2.92
C THR A 425 -1.17 -5.47 4.31
N LEU A 426 -0.61 -6.67 4.37
CA LEU A 426 -0.53 -7.45 5.60
C LEU A 426 0.52 -6.89 6.58
N TRP A 427 1.42 -6.00 6.12
CA TRP A 427 2.55 -5.65 6.98
C TRP A 427 2.16 -4.67 8.09
N GLN A 428 1.06 -3.95 7.93
CA GLN A 428 0.56 -3.02 8.94
C GLN A 428 -0.44 -3.68 9.89
N CYS A 429 -0.56 -4.99 9.82
CA CYS A 429 -1.46 -5.75 10.68
C CYS A 429 -0.70 -6.30 11.88
N PRO A 430 -1.14 -6.03 13.14
CA PRO A 430 -0.50 -6.64 14.31
C PRO A 430 -0.62 -8.16 14.30
N SER A 431 0.40 -8.80 14.91
CA SER A 431 0.36 -10.24 15.08
C SER A 431 1.19 -10.59 16.31
N SER A 432 1.36 -11.90 16.51
CA SER A 432 2.42 -12.40 17.38
C SER A 432 3.77 -12.07 16.75
N PRO A 433 4.85 -11.91 17.54
CA PRO A 433 6.19 -11.74 16.96
C PRO A 433 6.63 -12.94 16.13
N TRP A 434 7.52 -12.66 15.15
CA TRP A 434 8.14 -13.67 14.31
C TRP A 434 8.73 -14.77 15.19
N LYS A 435 8.43 -16.02 14.82
CA LYS A 435 9.04 -17.15 15.50
C LYS A 435 9.07 -18.27 14.47
N LYS A 436 10.28 -18.49 13.92
CA LYS A 436 10.52 -19.61 13.02
C LYS A 436 10.43 -20.89 13.84
N ARG A 437 9.47 -21.76 13.50
CA ARG A 437 9.34 -23.05 14.18
C ARG A 437 8.67 -24.03 13.23
N LEU A 438 8.79 -25.32 13.55
CA LEU A 438 8.16 -26.32 12.71
C LEU A 438 6.67 -26.40 13.02
N ALA A 439 5.90 -26.76 11.98
CA ALA A 439 4.45 -26.75 12.11
C ALA A 439 3.83 -27.80 11.20
N SER A 440 2.70 -28.31 11.70
CA SER A 440 1.82 -29.24 11.02
C SER A 440 0.81 -28.50 10.14
N PRO A 441 0.23 -29.14 9.10
CA PRO A 441 -0.87 -28.55 8.34
C PRO A 441 -2.18 -28.29 9.09
N SER A 442 -2.30 -28.83 10.31
CA SER A 442 -3.29 -28.45 11.30
C SER A 442 -3.27 -26.95 11.59
N GLU A 443 -2.07 -26.35 11.57
CA GLU A 443 -1.87 -24.99 12.02
C GLU A 443 -1.79 -24.00 10.86
N GLU A 444 -1.57 -24.52 9.64
CA GLU A 444 -1.33 -23.74 8.43
C GLU A 444 -2.64 -23.27 7.82
N THR A 445 -2.54 -22.29 6.90
CA THR A 445 -3.68 -21.60 6.34
C THR A 445 -3.75 -21.88 4.85
N TRP A 446 -4.85 -22.45 4.40
CA TRP A 446 -5.15 -22.54 2.98
C TRP A 446 -6.27 -21.57 2.71
N ILE A 447 -6.11 -20.77 1.65
CA ILE A 447 -6.97 -19.66 1.32
C ILE A 447 -7.51 -19.91 -0.09
N THR A 448 -8.81 -19.70 -0.28
CA THR A 448 -9.39 -19.56 -1.61
C THR A 448 -9.90 -18.14 -1.73
N CYS A 449 -9.16 -17.31 -2.48
CA CYS A 449 -9.58 -15.94 -2.76
C CYS A 449 -10.63 -15.93 -3.88
N ALA A 450 -11.56 -14.97 -3.79
CA ALA A 450 -12.39 -14.61 -4.93
C ALA A 450 -11.49 -14.07 -6.04
N ASN A 451 -11.79 -14.45 -7.27
CA ASN A 451 -11.10 -13.94 -8.44
C ASN A 451 -11.48 -12.48 -8.67
N LYS A 452 -10.63 -11.76 -9.41
CA LYS A 452 -10.88 -10.36 -9.68
C LYS A 452 -11.76 -10.16 -10.93
N ILE A 453 -12.22 -11.25 -11.55
CA ILE A 453 -13.17 -11.24 -12.65
C ILE A 453 -14.25 -12.26 -12.30
N ARG A 454 -15.51 -11.93 -12.62
CA ARG A 454 -16.59 -12.89 -12.46
C ARG A 454 -17.67 -12.57 -13.48
N LEU A 455 -18.55 -13.55 -13.71
CA LEU A 455 -19.71 -13.34 -14.54
C LEU A 455 -20.95 -13.44 -13.67
N GLN A 456 -21.76 -12.39 -13.72
CA GLN A 456 -22.91 -12.28 -12.85
C GLN A 456 -24.21 -12.37 -13.65
N GLU A 457 -25.20 -13.06 -13.04
CA GLU A 457 -26.64 -13.03 -13.34
C GLU A 457 -27.00 -13.93 -14.53
N GLY A 458 -26.21 -14.98 -14.76
CA GLY A 458 -26.54 -16.00 -15.74
C GLY A 458 -26.81 -17.35 -15.08
N ASN A 459 -27.07 -18.37 -15.90
CA ASN A 459 -27.48 -19.66 -15.37
C ASN A 459 -26.29 -20.49 -14.88
N THR A 460 -25.07 -20.16 -15.30
CA THR A 460 -23.88 -20.70 -14.64
C THR A 460 -22.97 -19.54 -14.22
N ASN A 461 -21.86 -19.89 -13.59
CA ASN A 461 -20.84 -18.91 -13.23
C ASN A 461 -19.90 -18.64 -14.40
N CYS A 462 -20.10 -19.39 -15.50
CA CYS A 462 -19.39 -19.19 -16.76
C CYS A 462 -20.22 -18.41 -17.78
N SER A 463 -21.34 -17.82 -17.33
CA SER A 463 -22.18 -17.03 -18.21
C SER A 463 -22.74 -15.85 -17.45
N GLY A 464 -22.71 -14.67 -18.05
CA GLY A 464 -23.35 -13.51 -17.45
C GLY A 464 -22.59 -12.22 -17.75
N ARG A 465 -23.01 -11.15 -17.08
CA ARG A 465 -22.38 -9.84 -17.19
C ARG A 465 -20.97 -9.86 -16.59
N VAL A 466 -20.01 -9.32 -17.36
CA VAL A 466 -18.61 -9.24 -16.98
C VAL A 466 -18.41 -8.18 -15.90
N GLU A 467 -17.91 -8.60 -14.74
CA GLU A 467 -17.52 -7.65 -13.71
C GLU A 467 -16.07 -7.88 -13.32
N ILE A 468 -15.34 -6.76 -13.13
CA ILE A 468 -13.92 -6.76 -12.78
C ILE A 468 -13.69 -5.95 -11.50
N TRP A 469 -12.82 -6.47 -10.63
CA TRP A 469 -12.53 -5.85 -9.36
C TRP A 469 -11.26 -5.01 -9.48
N TYR A 470 -11.34 -3.73 -9.10
CA TYR A 470 -10.19 -2.84 -9.17
C TYR A 470 -10.33 -1.70 -8.14
N GLY A 471 -9.22 -1.45 -7.43
CA GLY A 471 -9.04 -0.28 -6.58
C GLY A 471 -10.05 -0.12 -5.45
N GLY A 472 -10.56 -1.23 -4.91
CA GLY A 472 -11.63 -1.10 -3.92
C GLY A 472 -12.97 -1.72 -4.32
N SER A 473 -13.40 -1.62 -5.60
CA SER A 473 -14.78 -1.97 -5.92
C SER A 473 -14.92 -2.72 -7.25
N TRP A 474 -15.97 -3.55 -7.30
CA TRP A 474 -16.38 -4.24 -8.52
C TRP A 474 -16.91 -3.25 -9.54
N GLY A 475 -16.47 -3.41 -10.78
CA GLY A 475 -16.99 -2.56 -11.83
C GLY A 475 -17.15 -3.36 -13.11
N THR A 476 -17.64 -2.69 -14.14
CA THR A 476 -18.04 -3.38 -15.36
C THR A 476 -17.12 -2.99 -16.51
N VAL A 477 -17.33 -3.68 -17.65
CA VAL A 477 -16.63 -3.44 -18.89
C VAL A 477 -17.64 -2.93 -19.92
N CYS A 478 -17.28 -1.88 -20.68
CA CYS A 478 -18.13 -1.33 -21.74
C CYS A 478 -18.06 -2.22 -22.99
N ASP A 479 -19.09 -2.16 -23.84
CA ASP A 479 -19.19 -3.07 -24.98
C ASP A 479 -18.70 -2.49 -26.31
N ASP A 480 -18.12 -1.26 -26.36
CA ASP A 480 -17.49 -0.78 -27.58
C ASP A 480 -16.23 -1.60 -27.86
N SER A 481 -16.13 -2.12 -29.09
CA SER A 481 -15.11 -3.05 -29.60
C SER A 481 -15.09 -4.41 -28.89
N TRP A 482 -16.08 -4.74 -28.05
CA TRP A 482 -16.09 -5.98 -27.28
C TRP A 482 -16.50 -7.16 -28.17
N ASP A 483 -15.56 -8.07 -28.40
CA ASP A 483 -15.75 -9.08 -29.43
C ASP A 483 -15.46 -10.46 -28.84
N LEU A 484 -15.49 -11.48 -29.72
CA LEU A 484 -15.32 -12.87 -29.34
C LEU A 484 -13.90 -13.12 -28.82
N GLU A 485 -12.91 -12.37 -29.32
CA GLU A 485 -11.53 -12.51 -28.86
C GLU A 485 -11.40 -12.09 -27.38
N ASP A 486 -12.10 -11.01 -26.99
CA ASP A 486 -12.21 -10.63 -25.59
C ASP A 486 -12.89 -11.70 -24.73
N ALA A 487 -13.94 -12.34 -25.25
CA ALA A 487 -14.66 -13.37 -24.52
C ALA A 487 -13.81 -14.63 -24.33
N GLN A 488 -12.98 -14.98 -25.31
CA GLN A 488 -12.07 -16.12 -25.22
C GLN A 488 -11.03 -15.88 -24.13
N VAL A 489 -10.66 -14.61 -23.91
CA VAL A 489 -9.74 -14.28 -22.82
C VAL A 489 -10.43 -14.44 -21.47
N VAL A 490 -11.66 -13.92 -21.33
CA VAL A 490 -12.45 -13.98 -20.11
C VAL A 490 -12.71 -15.44 -19.70
N CYS A 491 -13.10 -16.29 -20.66
CA CYS A 491 -13.34 -17.71 -20.43
C CYS A 491 -12.07 -18.44 -19.98
N ARG A 492 -10.93 -18.14 -20.63
CA ARG A 492 -9.65 -18.74 -20.29
C ARG A 492 -9.25 -18.36 -18.86
N GLN A 493 -9.44 -17.09 -18.49
CA GLN A 493 -9.06 -16.58 -17.18
C GLN A 493 -9.91 -17.22 -16.09
N LEU A 494 -11.23 -17.35 -16.33
CA LEU A 494 -12.12 -18.00 -15.38
C LEU A 494 -11.92 -19.52 -15.31
N GLY A 495 -11.23 -20.14 -16.28
CA GLY A 495 -11.11 -21.59 -16.26
C GLY A 495 -12.35 -22.30 -16.79
N CYS A 496 -13.23 -21.55 -17.48
CA CYS A 496 -14.35 -22.08 -18.26
C CYS A 496 -13.83 -22.67 -19.58
N GLY A 497 -14.73 -23.34 -20.33
CA GLY A 497 -14.40 -23.85 -21.65
C GLY A 497 -14.48 -22.78 -22.76
N SER A 498 -14.99 -23.19 -23.92
CA SER A 498 -15.02 -22.37 -25.13
C SER A 498 -15.97 -21.20 -24.96
N ALA A 499 -15.56 -20.03 -25.48
CA ALA A 499 -16.45 -18.88 -25.59
C ALA A 499 -17.52 -19.18 -26.63
N LEU A 500 -18.75 -18.81 -26.28
CA LEU A 500 -19.91 -18.96 -27.15
C LEU A 500 -20.41 -17.61 -27.68
N GLU A 501 -20.28 -16.54 -26.87
CA GLU A 501 -20.86 -15.25 -27.21
C GLU A 501 -20.09 -14.17 -26.48
N ALA A 502 -19.94 -13.02 -27.14
CA ALA A 502 -19.58 -11.78 -26.48
C ALA A 502 -20.80 -10.88 -26.51
N GLY A 503 -21.57 -10.94 -25.43
CA GLY A 503 -22.82 -10.20 -25.33
C GLY A 503 -22.58 -8.70 -25.16
N LYS A 504 -23.55 -7.95 -25.65
CA LYS A 504 -23.53 -6.50 -25.65
C LYS A 504 -24.86 -6.00 -25.10
N GLU A 505 -24.86 -4.70 -24.80
CA GLU A 505 -26.03 -3.89 -24.49
C GLU A 505 -26.77 -4.42 -23.26
N ALA A 506 -25.99 -4.74 -22.21
CA ALA A 506 -26.46 -5.11 -20.87
C ALA A 506 -27.44 -6.29 -20.93
N ALA A 507 -27.02 -7.34 -21.64
CA ALA A 507 -27.86 -8.48 -22.01
C ALA A 507 -28.31 -9.27 -20.77
N PHE A 508 -27.49 -9.30 -19.72
CA PHE A 508 -27.91 -9.96 -18.49
C PHE A 508 -28.37 -8.93 -17.45
N GLY A 509 -28.56 -7.68 -17.88
CA GLY A 509 -28.89 -6.61 -16.95
C GLY A 509 -27.73 -5.65 -16.80
N GLN A 510 -28.04 -4.40 -16.46
CA GLN A 510 -26.98 -3.44 -16.16
C GLN A 510 -26.33 -3.77 -14.81
N GLY A 511 -25.04 -3.48 -14.72
CA GLY A 511 -24.34 -3.54 -13.45
C GLY A 511 -24.40 -2.20 -12.73
N THR A 512 -23.70 -2.17 -11.60
CA THR A 512 -23.53 -0.97 -10.80
C THR A 512 -22.03 -0.68 -10.72
N GLY A 513 -21.67 0.36 -9.98
CA GLY A 513 -20.27 0.71 -9.84
C GLY A 513 -19.74 1.46 -11.05
N PRO A 514 -18.43 1.70 -11.10
CA PRO A 514 -17.82 2.34 -12.26
C PRO A 514 -17.67 1.40 -13.45
N ILE A 515 -17.37 2.00 -14.59
CA ILE A 515 -17.01 1.23 -15.76
C ILE A 515 -15.50 1.29 -15.88
N TRP A 516 -14.84 0.21 -15.46
CA TRP A 516 -13.39 0.20 -15.40
C TRP A 516 -12.71 0.11 -16.76
N LEU A 517 -13.30 -0.54 -17.77
CA LEU A 517 -12.60 -0.70 -19.04
C LEU A 517 -13.54 -0.39 -20.21
N ASN A 518 -12.97 0.23 -21.25
CA ASN A 518 -13.55 0.25 -22.58
C ASN A 518 -12.42 0.11 -23.60
N GLU A 519 -12.83 -0.06 -24.86
CA GLU A 519 -11.97 -0.32 -26.01
C GLU A 519 -11.06 -1.52 -25.77
N VAL A 520 -11.63 -2.58 -25.15
CA VAL A 520 -10.87 -3.80 -24.91
C VAL A 520 -10.69 -4.48 -26.25
N LYS A 521 -9.44 -4.64 -26.68
CA LYS A 521 -9.14 -5.16 -28.01
C LYS A 521 -8.07 -6.23 -27.83
N CYS A 522 -8.49 -7.41 -27.33
CA CYS A 522 -7.57 -8.52 -27.11
C CYS A 522 -7.15 -9.12 -28.46
N LYS A 523 -5.92 -9.62 -28.49
CA LYS A 523 -5.49 -10.50 -29.57
C LYS A 523 -6.38 -11.75 -29.53
N GLY A 524 -6.54 -12.31 -28.32
CA GLY A 524 -7.35 -13.51 -28.11
C GLY A 524 -6.58 -14.64 -27.47
N ASN A 525 -5.24 -14.52 -27.34
CA ASN A 525 -4.45 -15.56 -26.71
C ASN A 525 -4.02 -15.20 -25.29
N GLU A 526 -4.49 -14.07 -24.75
CA GLU A 526 -4.07 -13.63 -23.42
C GLU A 526 -4.63 -14.56 -22.33
N THR A 527 -3.89 -14.69 -21.23
CA THR A 527 -4.32 -15.53 -20.10
C THR A 527 -5.15 -14.74 -19.09
N SER A 528 -5.20 -13.42 -19.26
CA SER A 528 -5.89 -12.49 -18.38
C SER A 528 -6.31 -11.28 -19.20
N LEU A 529 -7.44 -10.67 -18.85
CA LEU A 529 -7.91 -9.45 -19.51
C LEU A 529 -7.02 -8.24 -19.18
N TRP A 530 -6.20 -8.32 -18.12
CA TRP A 530 -5.24 -7.29 -17.74
C TRP A 530 -4.04 -7.20 -18.69
N ASP A 531 -3.83 -8.24 -19.52
CA ASP A 531 -2.77 -8.25 -20.53
C ASP A 531 -3.25 -7.61 -21.84
N CYS A 532 -4.56 -7.40 -21.97
CA CYS A 532 -5.17 -6.96 -23.22
C CYS A 532 -5.02 -5.45 -23.37
N PRO A 533 -4.81 -4.93 -24.60
CA PRO A 533 -5.01 -3.51 -24.87
C PRO A 533 -6.44 -3.03 -24.60
N ALA A 534 -6.55 -1.91 -23.88
CA ALA A 534 -7.78 -1.29 -23.46
C ALA A 534 -7.49 0.13 -22.99
N ARG A 535 -8.54 0.97 -22.90
CA ARG A 535 -8.46 2.25 -22.22
C ARG A 535 -8.71 1.97 -20.75
N SER A 536 -7.64 1.81 -19.97
CA SER A 536 -7.70 1.28 -18.60
C SER A 536 -8.15 2.29 -17.53
N TRP A 537 -8.68 1.74 -16.43
CA TRP A 537 -9.02 2.40 -15.16
C TRP A 537 -9.95 3.63 -15.26
N GLY A 538 -11.16 3.43 -15.83
CA GLY A 538 -12.29 4.34 -15.59
C GLY A 538 -12.38 5.53 -16.54
N HIS A 539 -11.58 5.57 -17.61
CA HIS A 539 -11.79 6.63 -18.57
C HIS A 539 -12.66 6.05 -19.67
N SER A 540 -13.97 6.32 -19.65
CA SER A 540 -14.89 5.85 -20.66
C SER A 540 -16.02 6.87 -20.81
N ASP A 541 -16.68 6.87 -21.97
CA ASP A 541 -17.84 7.72 -22.20
C ASP A 541 -19.09 6.84 -22.21
N CYS A 542 -19.01 5.69 -21.56
CA CYS A 542 -20.09 4.71 -21.62
C CYS A 542 -21.03 4.92 -20.44
N GLY A 543 -22.15 4.20 -20.47
CA GLY A 543 -23.01 4.01 -19.32
C GLY A 543 -23.28 2.51 -19.11
N HIS A 544 -24.06 2.20 -18.07
CA HIS A 544 -24.33 0.81 -17.74
C HIS A 544 -25.27 0.12 -18.73
N LYS A 545 -25.98 0.87 -19.58
CA LYS A 545 -26.74 0.32 -20.71
C LYS A 545 -25.83 -0.41 -21.71
N GLU A 546 -24.52 -0.07 -21.73
CA GLU A 546 -23.56 -0.64 -22.67
C GLU A 546 -22.61 -1.65 -22.02
N ASP A 547 -23.04 -2.24 -20.90
CA ASP A 547 -22.28 -3.29 -20.23
C ASP A 547 -22.13 -4.54 -21.11
N ALA A 548 -20.94 -5.16 -21.00
CA ALA A 548 -20.54 -6.30 -21.81
C ALA A 548 -20.81 -7.59 -21.04
N ALA A 549 -21.10 -8.66 -21.81
CA ALA A 549 -21.30 -9.99 -21.24
C ALA A 549 -20.50 -11.02 -22.03
N VAL A 550 -20.25 -12.14 -21.37
CA VAL A 550 -19.57 -13.29 -21.95
C VAL A 550 -20.42 -14.51 -21.58
N THR A 551 -20.64 -15.38 -22.56
CA THR A 551 -21.19 -16.70 -22.29
C THR A 551 -20.16 -17.73 -22.74
N CYS A 552 -19.76 -18.61 -21.80
CA CYS A 552 -18.81 -19.67 -22.04
C CYS A 552 -19.47 -21.03 -21.77
N SER A 553 -18.85 -22.10 -22.28
CA SER A 553 -19.26 -23.45 -21.95
C SER A 553 -18.55 -23.92 -20.68
N THR A 554 -19.26 -24.75 -19.89
CA THR A 554 -18.71 -25.34 -18.68
C THR A 554 -17.66 -26.39 -19.07
N ARG A 555 -16.55 -26.41 -18.33
CA ARG A 555 -15.50 -27.45 -18.41
C ARG A 555 -14.92 -27.48 -19.84
C1 NAG B . 0.14 -13.96 -27.45
C2 NAG B . 1.33 -14.22 -26.51
C3 NAG B . 2.32 -13.06 -26.58
C4 NAG B . 2.73 -12.77 -28.03
C5 NAG B . 1.48 -12.55 -28.89
C6 NAG B . 1.80 -12.38 -30.37
C7 NAG B . 0.49 -15.62 -24.63
C8 NAG B . 0.12 -15.64 -23.18
N2 NAG B . 0.92 -14.45 -25.12
O3 NAG B . 3.46 -13.34 -25.76
O4 NAG B . 3.51 -11.57 -28.10
O5 NAG B . 0.61 -13.69 -28.77
O6 NAG B . 1.45 -11.08 -30.83
O7 NAG B . 0.41 -16.62 -25.33
C1 NAG B . 4.96 -11.60 -28.18
C2 NAG B . 5.59 -11.25 -29.54
C3 NAG B . 7.12 -11.13 -29.42
C4 NAG B . 7.50 -10.20 -28.28
C5 NAG B . 6.93 -10.77 -26.99
C6 NAG B . 7.26 -9.93 -25.77
C7 NAG B . 5.35 -13.39 -30.89
C8 NAG B . 4.76 -13.92 -32.16
N2 NAG B . 5.17 -12.06 -30.68
O3 NAG B . 7.69 -10.67 -30.66
O4 NAG B . 8.92 -10.07 -28.19
O5 NAG B . 5.49 -10.83 -27.09
O6 NAG B . 8.56 -10.26 -25.27
O7 NAG B . 5.93 -14.12 -30.09
C1 NAG C . 0.64 27.84 18.08
C2 NAG C . -0.13 28.79 17.17
C3 NAG C . -1.26 29.48 17.95
C4 NAG C . -2.14 28.46 18.67
C5 NAG C . -1.30 27.50 19.52
C6 NAG C . -2.12 26.32 20.02
C7 NAG C . 1.02 29.75 15.23
C8 NAG C . 2.08 30.71 14.77
N2 NAG C . 0.75 29.75 16.54
O3 NAG C . -2.01 30.20 16.99
O4 NAG C . -3.08 29.10 19.55
O5 NAG C . -0.22 26.93 18.77
O6 NAG C . -2.97 25.86 18.97
O7 NAG C . 0.46 28.98 14.44
C1 NAG C . -4.42 29.11 18.99
C2 NAG C . -5.55 29.36 20.01
C3 NAG C . -6.89 29.63 19.32
C4 NAG C . -6.74 30.62 18.17
C5 NAG C . -5.70 30.07 17.20
C6 NAG C . -5.43 30.86 15.92
C7 NAG C . -5.12 28.25 22.18
C8 NAG C . -5.17 26.93 22.88
N2 NAG C . -5.66 28.27 20.96
O3 NAG C . -7.83 30.07 20.28
O4 NAG C . -8.03 30.83 17.57
O5 NAG C . -4.45 30.05 17.93
O6 NAG C . -5.10 32.21 16.19
O7 NAG C . -4.53 29.23 22.65
C1 MAN C . -8.42 32.23 17.54
C2 MAN C . -9.35 32.32 16.37
C3 MAN C . -9.80 33.76 16.12
C4 MAN C . -10.34 34.43 17.41
C5 MAN C . -9.52 34.10 18.67
C6 MAN C . -10.31 34.37 19.91
O1 MAN C . -7.34 33.08 17.30
O2 MAN C . -10.51 31.53 16.61
O3 MAN C . -10.84 33.76 15.14
O4 MAN C . -10.33 35.86 17.27
O5 MAN C . -9.11 32.68 18.71
O6 MAN C . -9.41 34.19 20.96
C1 MAN C . -10.80 34.77 14.13
C2 MAN C . -12.26 34.95 13.64
C3 MAN C . -12.77 33.72 12.88
C4 MAN C . -11.75 33.25 11.82
C5 MAN C . -10.31 33.12 12.43
C6 MAN C . -9.20 32.78 11.43
O2 MAN C . -12.40 36.14 12.86
O3 MAN C . -14.05 34.01 12.29
O4 MAN C . -12.15 31.98 11.28
O5 MAN C . -9.94 34.38 13.06
O6 MAN C . -7.96 32.49 12.11
C1 MAN C . -10.08 34.28 22.23
C2 MAN C . -8.95 34.66 23.23
C3 MAN C . -7.94 33.53 23.39
C4 MAN C . -8.62 32.20 23.71
C5 MAN C . -9.76 31.88 22.68
C6 MAN C . -10.63 30.69 23.03
O2 MAN C . -9.47 35.04 24.52
O3 MAN C . -7.00 33.89 24.43
O4 MAN C . -7.65 31.14 23.70
O5 MAN C . -10.69 33.02 22.55
O6 MAN C . -11.54 30.45 21.97
C1 FUC C . -3.86 24.76 19.13
C2 FUC C . -4.69 24.58 17.86
C3 FUC C . -3.80 24.02 16.73
C4 FUC C . -3.08 22.72 17.16
C5 FUC C . -2.36 22.89 18.51
C6 FUC C . -1.87 21.58 19.11
O2 FUC C . -5.37 25.80 17.49
O3 FUC C . -4.58 23.77 15.55
O4 FUC C . -4.03 21.62 17.22
O5 FUC C . -3.21 23.52 19.51
C1 NAG D . 20.64 -14.85 -1.53
C2 NAG D . 20.52 -15.56 -2.89
C3 NAG D . 19.99 -16.97 -2.70
C4 NAG D . 20.79 -17.74 -1.65
C5 NAG D . 20.85 -16.94 -0.34
C6 NAG D . 21.77 -17.59 0.69
C7 NAG D . 20.20 -13.91 -4.69
C8 NAG D . 19.22 -13.28 -5.63
N2 NAG D . 19.72 -14.81 -3.83
O3 NAG D . 20.04 -17.65 -3.95
O4 NAG D . 20.21 -19.02 -1.42
O5 NAG D . 21.37 -15.62 -0.58
O6 NAG D . 23.05 -17.86 0.10
O7 NAG D . 21.40 -13.61 -4.70
C1 NAG D . 20.98 -20.12 -1.94
C2 NAG D . 20.74 -21.45 -1.23
C3 NAG D . 21.66 -22.55 -1.79
C4 NAG D . 21.76 -22.55 -3.32
C5 NAG D . 22.11 -21.14 -3.82
C6 NAG D . 22.14 -21.02 -5.35
C7 NAG D . 20.01 -20.96 1.09
C8 NAG D . 20.46 -20.91 2.52
N2 NAG D . 20.93 -21.35 0.20
O3 NAG D . 21.19 -23.81 -1.31
O4 NAG D . 22.77 -23.48 -3.68
O5 NAG D . 21.12 -20.20 -3.36
O6 NAG D . 20.90 -20.53 -5.85
O7 NAG D . 18.87 -20.62 0.75
C1 NAG E . -18.43 -22.63 -10.87
C2 NAG E . -16.93 -22.45 -10.60
C3 NAG E . -16.25 -23.79 -10.33
C4 NAG E . -17.03 -24.62 -9.31
C5 NAG E . -18.45 -24.83 -9.83
C6 NAG E . -19.30 -25.66 -8.88
C7 NAG E . -16.00 -20.40 -11.65
C8 NAG E . -15.34 -19.85 -12.88
N2 NAG E . -16.24 -21.72 -11.66
O3 NAG E . -14.91 -23.57 -9.87
O4 NAG E . -16.40 -25.88 -9.12
O5 NAG E . -19.10 -23.55 -10.00
O6 NAG E . -18.48 -26.45 -8.02
O7 NAG E . -16.32 -19.68 -10.71
C1 NAG F . 13.37 22.62 -0.78
C2 NAG F . 13.13 23.84 0.12
C3 NAG F . 11.66 23.88 0.59
C4 NAG F . 10.68 23.68 -0.55
C5 NAG F . 11.03 22.40 -1.32
C6 NAG F . 10.11 22.14 -2.51
C7 NAG F . 15.27 24.45 1.21
C8 NAG F . 16.04 24.41 2.50
N2 NAG F . 14.03 23.92 1.26
O3 NAG F . 11.39 25.10 1.28
O4 NAG F . 9.35 23.59 -0.02
O5 NAG F . 12.38 22.51 -1.81
O6 NAG F . 10.46 22.94 -3.66
O7 NAG F . 15.74 24.94 0.19
#